data_3FJV
#
_entry.id   3FJV
#
_cell.length_a   35.775
_cell.length_b   90.816
_cell.length_c   131.927
_cell.angle_alpha   90.000
_cell.angle_beta   90.000
_cell.angle_gamma   90.000
#
_symmetry.space_group_name_H-M   'P 21 21 21'
#
loop_
_entity.id
_entity.type
_entity.pdbx_description
1 polymer 'uncharacterized novel protein'
2 non-polymer GLYCEROL
3 non-polymer 'CHLORIDE ION'
4 water water
#
_entity_poly.entity_id   1
_entity_poly.type   'polypeptide(L)'
_entity_poly.pdbx_seq_one_letter_code
;G(MSE)TLTRDSLLTLEAYAKVRRQEHARVIAHKKRRAVSIGNHLRLLFEDETTIRYQIHE(MSE)LHIEKIFDEDGIQA
ELDAYLPLVPDGSNLKATLQIEYENETQRRAALARLVGIEDRVFLRVDDEAPVYAIADEDLERDTAEKTSAVHFLRFELG
DA(MSE)KAKLKAGAPLSIGCDHPHYPIQAARIDPDVAASLAGDLD
;
_entity_poly.pdbx_strand_id   A,B
#
loop_
_chem_comp.id
_chem_comp.type
_chem_comp.name
_chem_comp.formula
CL non-polymer 'CHLORIDE ION' 'Cl -1'
GOL non-polymer GLYCEROL 'C3 H8 O3'
#
# COMPACT_ATOMS: atom_id res chain seq x y z
N MSE A 2 -6.32 -22.25 16.78
CA MSE A 2 -5.17 -21.47 17.30
C MSE A 2 -5.52 -19.99 17.59
O MSE A 2 -6.35 -19.38 16.90
CB MSE A 2 -4.00 -21.56 16.29
CG MSE A 2 -3.36 -20.21 15.88
SE MSE A 2 -3.98 -19.51 14.17
CE MSE A 2 -5.71 -20.48 14.07
N THR A 3 -4.88 -19.45 18.64
CA THR A 3 -4.37 -18.07 18.66
C THR A 3 -2.83 -18.21 18.84
N LEU A 4 -2.08 -17.13 18.72
CA LEU A 4 -0.64 -17.20 18.88
C LEU A 4 -0.27 -16.23 19.96
N THR A 5 0.74 -16.57 20.72
CA THR A 5 1.27 -15.75 21.80
C THR A 5 2.77 -15.59 21.60
N ARG A 6 3.43 -14.76 22.40
CA ARG A 6 4.90 -14.60 22.28
C ARG A 6 5.62 -15.95 22.41
N ASP A 7 5.08 -16.85 23.22
CA ASP A 7 5.66 -18.20 23.39
C ASP A 7 5.44 -19.15 22.21
N SER A 8 4.58 -18.76 21.28
CA SER A 8 4.40 -19.54 20.07
C SER A 8 5.48 -19.27 19.03
N LEU A 9 6.29 -18.23 19.25
CA LEU A 9 7.27 -17.77 18.28
C LEU A 9 8.68 -18.18 18.64
N LEU A 10 9.48 -18.43 17.62
CA LEU A 10 10.89 -18.61 17.79
C LEU A 10 11.57 -17.28 18.06
N THR A 11 12.72 -17.34 18.72
CA THR A 11 13.55 -16.17 18.87
C THR A 11 14.14 -15.86 17.50
N LEU A 12 14.75 -14.69 17.38
CA LEU A 12 15.41 -14.28 16.13
C LEU A 12 16.49 -15.32 15.77
N GLU A 13 17.25 -15.73 16.77
CA GLU A 13 18.31 -16.68 16.57
C GLU A 13 17.83 -18.03 16.07
N ALA A 14 16.77 -18.55 16.71
CA ALA A 14 16.24 -19.85 16.35
C ALA A 14 15.57 -19.76 14.97
N TYR A 15 14.85 -18.67 14.67
CA TYR A 15 14.25 -18.57 13.32
C TYR A 15 15.29 -18.49 12.21
N ALA A 16 16.36 -17.71 12.42
CA ALA A 16 17.35 -17.52 11.39
C ALA A 16 17.97 -18.86 11.03
N LYS A 17 18.14 -19.73 12.03
CA LYS A 17 18.66 -21.09 11.79
C LYS A 17 17.73 -21.93 10.91
N VAL A 18 16.41 -21.70 10.94
CA VAL A 18 15.52 -22.50 10.11
C VAL A 18 14.87 -21.74 8.93
N ARG A 19 15.28 -20.49 8.70
CA ARG A 19 14.53 -19.61 7.80
C ARG A 19 14.41 -20.13 6.37
N ARG A 20 15.49 -20.60 5.79
CA ARG A 20 15.44 -21.08 4.44
C ARG A 20 14.52 -22.31 4.34
N GLN A 21 14.61 -23.19 5.30
CA GLN A 21 13.72 -24.34 5.35
C GLN A 21 12.24 -23.95 5.51
N GLU A 22 12.00 -22.92 6.32
CA GLU A 22 10.67 -22.40 6.49
C GLU A 22 10.09 -21.77 5.23
N HIS A 23 10.89 -21.00 4.48
CA HIS A 23 10.40 -20.40 3.21
C HIS A 23 9.82 -21.55 2.36
N ALA A 24 10.59 -22.63 2.18
CA ALA A 24 10.14 -23.81 1.40
C ALA A 24 8.90 -24.54 2.01
N ARG A 25 8.91 -24.75 3.31
CA ARG A 25 7.79 -25.41 3.97
C ARG A 25 6.50 -24.63 3.78
N VAL A 26 6.59 -23.32 3.89
CA VAL A 26 5.40 -22.48 3.84
C VAL A 26 4.91 -22.32 2.39
N ILE A 27 5.80 -22.15 1.43
CA ILE A 27 5.43 -22.24 0.02
C ILE A 27 4.62 -23.50 -0.31
N ALA A 28 5.09 -24.66 0.16
CA ALA A 28 4.40 -25.90 -0.07
C ALA A 28 3.00 -25.85 0.58
N HIS A 29 2.95 -25.38 1.81
CA HIS A 29 1.66 -25.26 2.53
C HIS A 29 0.68 -24.38 1.76
N LYS A 30 1.18 -23.29 1.20
CA LYS A 30 0.30 -22.30 0.58
C LYS A 30 -0.37 -22.83 -0.68
N LYS A 31 0.12 -23.94 -1.24
CA LYS A 31 -0.59 -24.59 -2.33
C LYS A 31 -1.97 -25.04 -1.94
N ARG A 32 -2.22 -25.26 -0.64
CA ARG A 32 -3.58 -25.59 -0.20
C ARG A 32 -4.42 -24.40 0.24
N ARG A 33 -3.85 -23.20 0.14
CA ARG A 33 -4.47 -21.99 0.73
C ARG A 33 -4.70 -20.87 -0.28
N ALA A 34 -4.07 -20.94 -1.46
CA ALA A 34 -4.10 -19.80 -2.38
C ALA A 34 -5.11 -19.98 -3.50
N VAL A 35 -5.83 -18.90 -3.84
CA VAL A 35 -6.75 -18.86 -5.00
CA VAL A 35 -6.69 -18.90 -5.04
C VAL A 35 -6.50 -17.59 -5.83
N SER A 36 -6.55 -17.69 -7.14
CA SER A 36 -6.52 -16.53 -8.03
C SER A 36 -7.92 -16.16 -8.43
N ILE A 37 -8.17 -14.87 -8.66
CA ILE A 37 -9.48 -14.42 -9.10
C ILE A 37 -9.18 -13.53 -10.31
N GLY A 38 -9.37 -14.10 -11.50
CA GLY A 38 -8.95 -13.45 -12.74
C GLY A 38 -7.44 -13.37 -12.79
N ASN A 39 -6.92 -12.41 -13.57
CA ASN A 39 -5.47 -12.25 -13.80
C ASN A 39 -4.73 -11.33 -12.84
N HIS A 40 -5.46 -10.51 -12.07
CA HIS A 40 -4.81 -9.50 -11.24
C HIS A 40 -5.12 -9.52 -9.74
N LEU A 41 -6.03 -10.40 -9.30
CA LEU A 41 -6.35 -10.58 -7.88
C LEU A 41 -5.88 -11.95 -7.37
N ARG A 42 -5.25 -11.95 -6.20
CA ARG A 42 -4.79 -13.18 -5.55
C ARG A 42 -5.27 -13.20 -4.10
N LEU A 43 -5.86 -14.29 -3.62
CA LEU A 43 -6.27 -14.42 -2.22
C LEU A 43 -5.45 -15.53 -1.58
N LEU A 44 -4.94 -15.27 -0.38
CA LEU A 44 -4.33 -16.29 0.45
C LEU A 44 -5.17 -16.44 1.68
N PHE A 45 -5.77 -17.62 1.82
CA PHE A 45 -6.51 -17.94 3.04
C PHE A 45 -5.53 -18.23 4.16
N GLU A 46 -5.65 -17.47 5.24
CA GLU A 46 -4.64 -17.46 6.30
C GLU A 46 -4.92 -18.49 7.40
N ASP A 47 -3.86 -19.13 7.88
CA ASP A 47 -3.96 -20.07 9.00
C ASP A 47 -2.73 -19.95 9.92
N GLU A 48 -2.59 -20.86 10.90
CA GLU A 48 -1.46 -20.78 11.84
C GLU A 48 -0.09 -20.75 11.09
N THR A 49 0.04 -21.61 10.11
CA THR A 49 1.28 -21.71 9.36
C THR A 49 1.62 -20.40 8.61
N THR A 50 0.67 -19.86 7.87
CA THR A 50 0.90 -18.67 7.08
C THR A 50 1.12 -17.45 7.97
N ILE A 51 0.43 -17.39 9.10
CA ILE A 51 0.50 -16.22 9.99
C ILE A 51 1.81 -16.23 10.80
N ARG A 52 2.14 -17.36 11.42
CA ARG A 52 3.40 -17.55 12.16
C ARG A 52 4.62 -17.20 11.33
N TYR A 53 4.63 -17.63 10.08
CA TYR A 53 5.67 -17.30 9.13
C TYR A 53 5.77 -15.79 8.89
N GLN A 54 4.63 -15.14 8.63
CA GLN A 54 4.71 -13.73 8.39
C GLN A 54 5.29 -13.01 9.59
N ILE A 55 4.86 -13.40 10.79
CA ILE A 55 5.37 -12.76 12.02
C ILE A 55 6.86 -13.01 12.15
N HIS A 56 7.27 -14.25 11.96
CA HIS A 56 8.69 -14.56 11.99
C HIS A 56 9.49 -13.69 11.00
N GLU A 57 8.96 -13.56 9.79
CA GLU A 57 9.58 -12.79 8.73
C GLU A 57 9.70 -11.29 9.10
N MSE A 58 8.62 -10.74 9.64
CA MSE A 58 8.67 -9.35 10.07
C MSE A 58 9.72 -9.12 11.16
O MSE A 58 10.53 -8.19 11.07
CB MSE A 58 7.32 -8.89 10.60
CG MSE A 58 7.27 -7.37 11.04
SE MSE A 58 7.22 -6.09 9.64
CE MSE A 58 5.28 -5.83 9.48
N LEU A 59 9.67 -9.94 12.20
CA LEU A 59 10.63 -9.87 13.28
C LEU A 59 12.07 -10.02 12.78
N HIS A 60 12.29 -10.95 11.85
CA HIS A 60 13.63 -11.20 11.31
C HIS A 60 14.22 -9.97 10.55
N ILE A 61 13.40 -9.44 9.65
CA ILE A 61 13.81 -8.37 8.78
C ILE A 61 14.02 -7.06 9.58
N GLU A 62 13.10 -6.78 10.50
CA GLU A 62 13.11 -5.59 11.35
C GLU A 62 14.01 -5.79 12.58
N LYS A 63 14.54 -7.00 12.77
CA LYS A 63 15.34 -7.38 13.96
C LYS A 63 14.69 -6.97 15.27
N ILE A 64 13.48 -7.46 15.49
CA ILE A 64 12.67 -7.12 16.65
C ILE A 64 12.69 -8.26 17.70
N PHE A 65 13.18 -7.93 18.90
CA PHE A 65 13.30 -8.91 20.00
C PHE A 65 12.90 -8.45 21.40
N ASP A 66 12.36 -7.26 21.52
CA ASP A 66 11.88 -6.77 22.76
C ASP A 66 10.40 -7.13 22.88
N GLU A 67 9.95 -7.23 24.11
CA GLU A 67 8.64 -7.83 24.37
C GLU A 67 7.48 -6.99 23.80
N ASP A 68 7.53 -5.68 23.97
CA ASP A 68 6.47 -4.83 23.45
C ASP A 68 6.45 -4.86 21.93
N GLY A 69 7.62 -4.90 21.30
CA GLY A 69 7.74 -4.94 19.85
C GLY A 69 7.28 -6.25 19.23
N ILE A 70 7.64 -7.36 19.87
CA ILE A 70 7.09 -8.66 19.46
C ILE A 70 5.56 -8.63 19.59
N GLN A 71 5.04 -8.16 20.72
CA GLN A 71 3.59 -8.16 20.93
C GLN A 71 2.88 -7.32 19.90
N ALA A 72 3.49 -6.21 19.51
CA ALA A 72 2.91 -5.30 18.53
C ALA A 72 2.77 -5.97 17.16
N GLU A 73 3.72 -6.86 16.80
CA GLU A 73 3.55 -7.58 15.54
C GLU A 73 2.48 -8.64 15.65
N LEU A 74 2.43 -9.39 16.76
CA LEU A 74 1.32 -10.34 17.00
C LEU A 74 -0.05 -9.64 16.84
N ASP A 75 -0.15 -8.46 17.43
CA ASP A 75 -1.44 -7.76 17.44
C ASP A 75 -1.73 -7.21 16.06
N ALA A 76 -0.69 -6.81 15.32
CA ALA A 76 -0.89 -6.29 13.96
C ALA A 76 -1.43 -7.36 12.99
N TYR A 77 -0.98 -8.60 13.19
CA TYR A 77 -1.41 -9.73 12.37
C TYR A 77 -2.65 -10.50 12.86
N LEU A 78 -3.16 -10.16 14.04
CA LEU A 78 -4.38 -10.76 14.59
C LEU A 78 -5.59 -10.76 13.65
N PRO A 79 -5.79 -9.69 12.87
CA PRO A 79 -6.86 -9.73 11.89
C PRO A 79 -6.87 -10.97 10.98
N LEU A 80 -5.70 -11.58 10.73
CA LEU A 80 -5.68 -12.74 9.86
C LEU A 80 -6.10 -14.09 10.52
N VAL A 81 -6.25 -14.09 11.85
CA VAL A 81 -6.52 -15.32 12.57
C VAL A 81 -7.99 -15.76 12.47
N PRO A 82 -8.26 -16.92 11.86
CA PRO A 82 -9.66 -17.40 11.84
C PRO A 82 -10.20 -17.75 13.23
N ASP A 83 -11.47 -17.54 13.48
CA ASP A 83 -11.92 -17.59 14.84
C ASP A 83 -12.91 -18.69 15.13
N GLY A 84 -13.23 -19.52 14.15
CA GLY A 84 -14.27 -20.53 14.34
C GLY A 84 -15.41 -20.46 13.31
N SER A 85 -15.81 -19.24 12.96
CA SER A 85 -16.93 -19.01 12.07
C SER A 85 -16.59 -18.15 10.87
N ASN A 86 -15.31 -17.86 10.69
CA ASN A 86 -14.92 -17.07 9.56
CA ASN A 86 -14.81 -16.91 9.70
C ASN A 86 -13.60 -17.50 8.96
N LEU A 87 -13.58 -17.39 7.65
CA LEU A 87 -12.33 -17.58 6.93
C LEU A 87 -11.70 -16.17 6.79
N LYS A 88 -10.38 -16.12 6.91
CA LYS A 88 -9.61 -14.88 6.78
C LYS A 88 -8.67 -15.02 5.58
N ALA A 89 -8.51 -13.95 4.79
CA ALA A 89 -7.67 -13.95 3.59
C ALA A 89 -6.98 -12.58 3.37
N THR A 90 -5.76 -12.63 2.87
CA THR A 90 -5.06 -11.48 2.36
C THR A 90 -5.33 -11.44 0.86
N LEU A 91 -5.86 -10.31 0.42
CA LEU A 91 -6.10 -10.04 -0.99
C LEU A 91 -4.97 -9.15 -1.50
N GLN A 92 -4.39 -9.54 -2.62
CA GLN A 92 -3.35 -8.74 -3.27
C GLN A 92 -3.79 -8.44 -4.68
N ILE A 93 -3.61 -7.19 -5.09
CA ILE A 93 -3.90 -6.71 -6.43
C ILE A 93 -2.54 -6.49 -7.06
N GLU A 94 -2.27 -7.16 -8.18
CA GLU A 94 -0.95 -7.11 -8.80
C GLU A 94 -1.01 -6.65 -10.25
N TYR A 95 -0.26 -5.58 -10.56
CA TYR A 95 -0.18 -5.08 -11.94
C TYR A 95 1.28 -4.93 -12.38
N GLU A 96 1.51 -5.01 -13.68
CA GLU A 96 2.89 -5.09 -14.22
C GLU A 96 3.75 -3.86 -13.99
N ASN A 97 3.17 -2.68 -13.88
CA ASN A 97 3.99 -1.50 -13.68
C ASN A 97 3.32 -0.39 -12.90
N GLU A 98 4.13 0.59 -12.48
CA GLU A 98 3.68 1.65 -11.58
C GLU A 98 2.46 2.41 -12.13
N THR A 99 2.51 2.85 -13.39
CA THR A 99 1.43 3.64 -13.95
CA THR A 99 1.43 3.65 -13.97
C THR A 99 0.18 2.79 -14.11
N GLN A 100 0.37 1.53 -14.52
CA GLN A 100 -0.71 0.55 -14.66
C GLN A 100 -1.39 0.25 -13.29
N ARG A 101 -0.54 -0.05 -12.30
CA ARG A 101 -0.98 -0.29 -10.93
C ARG A 101 -1.69 0.96 -10.43
N ARG A 102 -1.01 2.10 -10.48
CA ARG A 102 -1.61 3.35 -10.06
C ARG A 102 -3.00 3.54 -10.72
N ALA A 103 -3.11 3.38 -12.04
CA ALA A 103 -4.42 3.53 -12.68
C ALA A 103 -5.39 2.46 -12.18
N ALA A 104 -4.93 1.21 -12.05
CA ALA A 104 -5.81 0.10 -11.59
C ALA A 104 -6.40 0.33 -10.21
N LEU A 105 -5.57 0.74 -9.28
CA LEU A 105 -6.01 0.95 -7.89
C LEU A 105 -7.12 2.01 -7.81
N ALA A 106 -7.05 3.04 -8.66
CA ALA A 106 -8.14 4.01 -8.75
C ALA A 106 -9.42 3.43 -9.33
N ARG A 107 -9.26 2.74 -10.45
CA ARG A 107 -10.40 2.13 -11.14
C ARG A 107 -11.09 1.07 -10.28
N LEU A 108 -10.30 0.40 -9.45
CA LEU A 108 -10.77 -0.73 -8.62
C LEU A 108 -11.12 -0.35 -7.19
N VAL A 109 -11.25 0.94 -6.91
CA VAL A 109 -11.64 1.37 -5.56
C VAL A 109 -12.86 0.56 -5.07
N GLY A 110 -12.77 0.07 -3.85
CA GLY A 110 -13.88 -0.67 -3.25
C GLY A 110 -13.96 -2.13 -3.67
N ILE A 111 -13.01 -2.59 -4.47
CA ILE A 111 -13.04 -4.02 -4.90
C ILE A 111 -12.97 -5.01 -3.74
N GLU A 112 -12.26 -4.66 -2.68
CA GLU A 112 -12.16 -5.52 -1.51
C GLU A 112 -13.50 -5.86 -0.84
N ASP A 113 -14.52 -5.04 -1.10
CA ASP A 113 -15.88 -5.24 -0.59
C ASP A 113 -16.74 -6.09 -1.53
N ARG A 114 -16.26 -6.38 -2.74
CA ARG A 114 -17.09 -7.00 -3.81
C ARG A 114 -16.66 -8.42 -4.15
N VAL A 115 -15.71 -8.95 -3.39
CA VAL A 115 -15.29 -10.35 -3.49
C VAL A 115 -16.20 -11.17 -2.62
N PHE A 116 -16.75 -12.24 -3.19
CA PHE A 116 -17.68 -13.10 -2.45
C PHE A 116 -17.40 -14.58 -2.61
N LEU A 117 -17.76 -15.35 -1.58
CA LEU A 117 -17.70 -16.81 -1.61
C LEU A 117 -19.11 -17.36 -1.69
N ARG A 118 -19.29 -18.55 -2.24
CA ARG A 118 -20.58 -19.25 -2.14
CA ARG A 118 -20.57 -19.24 -2.17
C ARG A 118 -20.35 -20.74 -1.88
N VAL A 119 -20.84 -21.23 -0.73
CA VAL A 119 -20.75 -22.65 -0.38
C VAL A 119 -21.94 -23.34 -1.00
N ASP A 120 -21.72 -24.24 -1.94
CA ASP A 120 -22.85 -24.96 -2.58
C ASP A 120 -23.94 -23.99 -3.06
N ASP A 121 -25.21 -24.24 -2.77
CA ASP A 121 -26.28 -23.32 -3.20
C ASP A 121 -26.73 -22.38 -2.09
N GLU A 122 -25.87 -22.09 -1.12
CA GLU A 122 -26.30 -21.20 -0.05
C GLU A 122 -26.14 -19.75 -0.53
N ALA A 123 -26.63 -18.79 0.26
CA ALA A 123 -26.47 -17.38 -0.09
C ALA A 123 -24.98 -17.04 -0.21
N PRO A 124 -24.64 -16.18 -1.17
CA PRO A 124 -23.23 -15.77 -1.23
C PRO A 124 -22.82 -14.97 0.00
N VAL A 125 -21.53 -15.04 0.35
CA VAL A 125 -20.95 -14.29 1.47
C VAL A 125 -19.88 -13.31 0.96
N TYR A 126 -20.15 -12.02 1.14
CA TYR A 126 -19.21 -10.94 0.77
C TYR A 126 -18.17 -10.72 1.87
N ALA A 127 -16.92 -10.49 1.46
CA ALA A 127 -15.85 -10.19 2.37
C ALA A 127 -16.15 -8.90 3.11
N ILE A 128 -15.81 -8.87 4.38
CA ILE A 128 -15.76 -7.63 5.16
CA ILE A 128 -15.76 -7.62 5.13
C ILE A 128 -14.29 -7.30 5.26
N ALA A 129 -13.89 -6.15 4.71
CA ALA A 129 -12.48 -5.78 4.55
C ALA A 129 -11.95 -4.76 5.54
N ASP A 130 -10.71 -4.96 5.96
CA ASP A 130 -9.89 -3.89 6.56
C ASP A 130 -10.49 -3.28 7.82
N GLU A 131 -11.09 -4.14 8.66
CA GLU A 131 -11.74 -3.66 9.88
C GLU A 131 -10.71 -3.16 10.90
N ASP A 132 -9.46 -3.58 10.73
CA ASP A 132 -8.37 -3.11 11.56
C ASP A 132 -7.88 -1.72 11.23
N LEU A 133 -8.39 -1.13 10.15
CA LEU A 133 -7.94 0.18 9.81
C LEU A 133 -9.04 1.18 10.11
N GLU A 134 -8.62 2.28 10.74
CA GLU A 134 -9.54 3.37 11.01
C GLU A 134 -10.13 3.85 9.68
N ARG A 135 -11.30 4.47 9.74
CA ARG A 135 -12.08 4.84 8.55
C ARG A 135 -11.25 5.55 7.49
N ASP A 136 -10.38 6.47 7.94
CA ASP A 136 -9.59 7.31 7.05
C ASP A 136 -8.46 6.53 6.39
N THR A 137 -7.81 5.65 7.16
CA THR A 137 -6.78 4.75 6.63
C THR A 137 -7.41 3.77 5.66
N ALA A 138 -8.56 3.22 6.05
CA ALA A 138 -9.30 2.24 5.24
C ALA A 138 -9.71 2.83 3.89
N GLU A 139 -9.96 4.14 3.85
CA GLU A 139 -10.40 4.81 2.63
C GLU A 139 -9.25 5.01 1.59
N LYS A 140 -7.99 5.05 2.07
CA LYS A 140 -6.83 5.07 1.17
C LYS A 140 -6.69 3.72 0.47
N THR A 141 -6.50 3.72 -0.85
CA THR A 141 -6.35 2.45 -1.60
C THR A 141 -5.04 1.72 -1.20
N SER A 142 -4.95 0.46 -1.58
CA SER A 142 -3.84 -0.37 -1.16
C SER A 142 -3.89 -1.54 -2.13
N ALA A 143 -2.73 -2.03 -2.54
CA ALA A 143 -2.68 -3.25 -3.30
C ALA A 143 -2.94 -4.45 -2.37
N VAL A 144 -3.04 -4.21 -1.05
CA VAL A 144 -3.20 -5.32 -0.06
C VAL A 144 -4.35 -5.05 0.90
N HIS A 145 -5.27 -6.02 1.04
CA HIS A 145 -6.41 -5.87 1.95
C HIS A 145 -6.53 -7.13 2.81
N PHE A 146 -7.05 -6.98 4.01
CA PHE A 146 -7.32 -8.11 4.92
C PHE A 146 -8.82 -8.36 4.91
N LEU A 147 -9.23 -9.56 4.48
CA LEU A 147 -10.64 -9.87 4.35
C LEU A 147 -11.12 -10.90 5.39
N ARG A 148 -12.40 -10.80 5.77
CA ARG A 148 -13.06 -11.75 6.67
C ARG A 148 -14.33 -12.24 5.96
N PHE A 149 -14.54 -13.54 5.89
CA PHE A 149 -15.78 -14.09 5.33
C PHE A 149 -16.49 -14.83 6.47
N GLU A 150 -17.70 -14.40 6.84
CA GLU A 150 -18.37 -15.01 7.98
CA GLU A 150 -18.43 -14.98 7.96
C GLU A 150 -19.37 -16.08 7.47
N LEU A 151 -19.22 -17.32 7.98
CA LEU A 151 -20.04 -18.43 7.53
C LEU A 151 -20.98 -18.93 8.60
N GLY A 152 -22.24 -19.12 8.21
CA GLY A 152 -23.23 -19.66 9.15
C GLY A 152 -23.19 -21.17 9.20
N ASP A 153 -24.09 -21.72 9.98
CA ASP A 153 -24.04 -23.13 10.30
C ASP A 153 -24.27 -24.01 9.10
N ALA A 154 -25.29 -23.69 8.31
CA ALA A 154 -25.59 -24.48 7.12
C ALA A 154 -24.39 -24.50 6.16
N MSE A 155 -23.69 -23.38 6.01
CA MSE A 155 -22.49 -23.31 5.17
C MSE A 155 -21.33 -24.07 5.72
O MSE A 155 -20.63 -24.78 5.00
CB MSE A 155 -22.12 -21.83 4.98
CG MSE A 155 -23.14 -21.03 4.27
SE MSE A 155 -22.55 -19.17 4.36
CE MSE A 155 -24.35 -18.37 3.92
N LYS A 156 -21.13 -23.99 7.04
CA LYS A 156 -20.09 -24.76 7.65
C LYS A 156 -20.34 -26.27 7.46
N ALA A 157 -21.58 -26.71 7.64
CA ALA A 157 -21.89 -28.13 7.52
C ALA A 157 -21.49 -28.61 6.08
N LYS A 158 -21.96 -27.87 5.10
CA LYS A 158 -21.83 -28.29 3.69
C LYS A 158 -20.36 -28.26 3.31
N LEU A 159 -19.64 -27.23 3.71
CA LEU A 159 -18.22 -27.15 3.40
C LEU A 159 -17.41 -28.32 3.99
N LYS A 160 -17.62 -28.59 5.27
CA LYS A 160 -16.95 -29.73 5.95
C LYS A 160 -17.34 -31.03 5.34
N ALA A 161 -18.55 -31.09 4.81
CA ALA A 161 -19.00 -32.26 4.12
C ALA A 161 -18.45 -32.38 2.69
N GLY A 162 -17.60 -31.44 2.23
CA GLY A 162 -17.00 -31.51 0.87
C GLY A 162 -17.80 -30.84 -0.23
N ALA A 163 -18.74 -29.97 0.12
CA ALA A 163 -19.53 -29.32 -0.94
C ALA A 163 -18.62 -28.43 -1.75
N PRO A 164 -19.04 -28.04 -2.95
CA PRO A 164 -18.25 -27.09 -3.79
C PRO A 164 -18.20 -25.74 -3.14
N LEU A 165 -17.04 -25.07 -3.22
CA LEU A 165 -16.90 -23.69 -2.79
C LEU A 165 -16.47 -22.85 -4.00
N SER A 166 -17.21 -21.78 -4.27
CA SER A 166 -16.96 -20.92 -5.43
C SER A 166 -16.62 -19.51 -4.93
N ILE A 167 -15.81 -18.80 -5.72
CA ILE A 167 -15.42 -17.42 -5.44
CA ILE A 167 -15.42 -17.42 -5.44
C ILE A 167 -15.67 -16.56 -6.67
N GLY A 168 -16.20 -15.36 -6.45
CA GLY A 168 -16.48 -14.40 -7.52
C GLY A 168 -16.17 -12.97 -7.14
N CYS A 169 -16.36 -12.06 -8.09
CA CYS A 169 -16.29 -10.63 -7.82
C CYS A 169 -17.32 -9.91 -8.70
N ASP A 170 -18.07 -8.98 -8.13
CA ASP A 170 -19.08 -8.25 -8.88
C ASP A 170 -18.79 -6.75 -8.97
N HIS A 171 -17.55 -6.36 -8.67
CA HIS A 171 -17.09 -5.03 -8.98
C HIS A 171 -17.27 -4.73 -10.50
N PRO A 172 -17.82 -3.56 -10.84
CA PRO A 172 -18.07 -3.24 -12.24
C PRO A 172 -16.88 -3.20 -13.12
N HIS A 173 -15.72 -2.82 -12.59
CA HIS A 173 -14.47 -2.91 -13.39
C HIS A 173 -13.66 -4.20 -13.21
N TYR A 174 -14.21 -5.19 -12.50
CA TYR A 174 -13.56 -6.50 -12.35
C TYR A 174 -14.58 -7.62 -12.14
N PRO A 175 -15.48 -7.78 -13.11
CA PRO A 175 -16.51 -8.83 -13.05
C PRO A 175 -15.93 -10.24 -13.21
N ILE A 176 -16.05 -11.07 -12.18
CA ILE A 176 -15.59 -12.47 -12.25
C ILE A 176 -16.77 -13.34 -11.85
N GLN A 177 -17.24 -14.15 -12.79
CA GLN A 177 -18.27 -15.11 -12.51
C GLN A 177 -17.79 -16.09 -11.47
N ALA A 178 -18.65 -16.39 -10.50
CA ALA A 178 -18.35 -17.34 -9.44
C ALA A 178 -17.88 -18.67 -10.04
N ALA A 179 -16.72 -19.11 -9.60
CA ALA A 179 -16.10 -20.30 -10.11
C ALA A 179 -15.59 -21.16 -8.95
N ARG A 180 -15.66 -22.48 -9.15
CA ARG A 180 -15.35 -23.43 -8.11
CA ARG A 180 -15.34 -23.44 -8.11
C ARG A 180 -13.87 -23.40 -7.79
N ILE A 181 -13.57 -23.39 -6.52
CA ILE A 181 -12.19 -23.49 -6.03
CA ILE A 181 -12.16 -23.49 -6.13
C ILE A 181 -11.74 -24.95 -6.03
N ASP A 182 -10.44 -25.17 -6.19
CA ASP A 182 -9.82 -26.49 -6.05
C ASP A 182 -10.33 -27.20 -4.80
N PRO A 183 -10.86 -28.44 -4.93
CA PRO A 183 -11.41 -29.08 -3.75
C PRO A 183 -10.41 -29.32 -2.64
N ASP A 184 -9.15 -29.55 -3.00
CA ASP A 184 -8.12 -29.64 -2.00
C ASP A 184 -7.98 -28.33 -1.21
N VAL A 185 -8.14 -27.18 -1.87
CA VAL A 185 -8.12 -25.90 -1.14
C VAL A 185 -9.37 -25.75 -0.29
N ALA A 186 -10.55 -26.01 -0.85
CA ALA A 186 -11.77 -25.95 -0.02
C ALA A 186 -11.71 -26.90 1.20
N ALA A 187 -11.09 -28.05 1.06
CA ALA A 187 -10.94 -29.01 2.19
C ALA A 187 -10.06 -28.42 3.30
N SER A 188 -8.99 -27.73 2.93
CA SER A 188 -8.14 -27.07 3.88
C SER A 188 -8.89 -25.96 4.64
N LEU A 189 -9.69 -25.20 3.90
CA LEU A 189 -10.45 -24.11 4.48
C LEU A 189 -11.51 -24.62 5.48
N ALA A 190 -12.17 -25.73 5.14
CA ALA A 190 -13.15 -26.33 6.02
C ALA A 190 -12.56 -26.57 7.42
N GLY A 191 -11.29 -26.93 7.48
CA GLY A 191 -10.63 -27.21 8.74
C GLY A 191 -10.39 -26.00 9.63
N ASP A 192 -10.48 -24.79 9.08
CA ASP A 192 -10.35 -23.58 9.87
C ASP A 192 -11.58 -23.30 10.77
N LEU A 193 -12.69 -23.95 10.46
CA LEU A 193 -14.00 -23.62 11.02
C LEU A 193 -14.31 -24.66 12.10
N ASP A 194 -15.03 -24.22 13.14
CA ASP A 194 -15.26 -25.00 14.36
C ASP A 194 -16.75 -25.37 14.34
N LEU B 4 1.66 25.27 -14.62
CA LEU B 4 0.93 24.09 -15.19
C LEU B 4 -0.48 24.46 -15.65
N THR B 5 -0.62 24.87 -16.90
CA THR B 5 -1.93 25.26 -17.44
C THR B 5 -2.57 24.18 -18.31
N ARG B 6 -3.87 24.34 -18.54
CA ARG B 6 -4.66 23.45 -19.37
C ARG B 6 -4.12 23.42 -20.78
N ASP B 7 -3.90 24.62 -21.32
CA ASP B 7 -3.31 24.78 -22.65
C ASP B 7 -1.88 24.25 -22.76
N SER B 8 -1.22 23.98 -21.64
CA SER B 8 0.14 23.41 -21.68
C SER B 8 0.22 21.90 -21.80
N LEU B 9 -0.87 21.16 -21.60
CA LEU B 9 -0.82 19.70 -21.70
C LEU B 9 -0.66 19.26 -23.18
N LEU B 10 -0.03 18.11 -23.39
CA LEU B 10 0.07 17.48 -24.68
C LEU B 10 -1.18 16.64 -25.01
N THR B 11 -1.58 16.61 -26.28
CA THR B 11 -2.61 15.65 -26.73
C THR B 11 -2.11 14.20 -26.43
N LEU B 12 -3.03 13.23 -26.43
CA LEU B 12 -2.64 11.81 -26.31
C LEU B 12 -1.59 11.46 -27.38
N GLU B 13 -1.80 11.96 -28.59
CA GLU B 13 -0.94 11.63 -29.73
C GLU B 13 0.44 12.22 -29.52
N ALA B 14 0.48 13.48 -29.08
CA ALA B 14 1.79 14.14 -28.87
C ALA B 14 2.58 13.50 -27.73
N TYR B 15 1.93 13.15 -26.63
CA TYR B 15 2.65 12.53 -25.49
C TYR B 15 3.13 11.14 -25.85
N ALA B 16 2.32 10.42 -26.61
CA ALA B 16 2.64 9.04 -26.95
C ALA B 16 3.94 9.02 -27.74
N LYS B 17 4.16 10.05 -28.54
CA LYS B 17 5.38 10.17 -29.31
C LYS B 17 6.61 10.39 -28.41
N VAL B 18 6.44 11.11 -27.31
CA VAL B 18 7.58 11.42 -26.45
C VAL B 18 7.64 10.56 -25.18
N ARG B 19 6.71 9.63 -25.01
CA ARG B 19 6.60 8.92 -23.73
C ARG B 19 7.88 8.20 -23.29
N ARG B 20 8.54 7.47 -24.20
CA ARG B 20 9.78 6.72 -23.80
C ARG B 20 10.85 7.66 -23.28
N GLN B 21 11.07 8.75 -24.01
CA GLN B 21 12.07 9.72 -23.60
C GLN B 21 11.69 10.41 -22.30
N GLU B 22 10.40 10.68 -22.13
CA GLU B 22 9.93 11.41 -20.96
C GLU B 22 10.12 10.60 -19.68
N HIS B 23 9.87 9.30 -19.78
CA HIS B 23 10.12 8.40 -18.68
C HIS B 23 11.58 8.53 -18.20
N ALA B 24 12.51 8.46 -19.15
CA ALA B 24 13.92 8.52 -18.85
C ALA B 24 14.29 9.84 -18.20
N ARG B 25 13.78 10.94 -18.77
CA ARG B 25 14.03 12.28 -18.27
C ARG B 25 13.47 12.50 -16.86
N VAL B 26 12.32 11.92 -16.54
CA VAL B 26 11.69 12.12 -15.24
CA VAL B 26 11.69 12.12 -15.23
C VAL B 26 12.36 11.26 -14.16
N ILE B 27 12.82 10.08 -14.54
CA ILE B 27 13.55 9.21 -13.61
C ILE B 27 14.82 9.94 -13.14
N ALA B 28 15.51 10.56 -14.11
CA ALA B 28 16.69 11.37 -13.86
C ALA B 28 16.37 12.54 -12.94
N HIS B 29 15.34 13.30 -13.31
CA HIS B 29 14.90 14.43 -12.50
C HIS B 29 14.54 14.00 -11.06
N LYS B 30 13.84 12.88 -10.88
CA LYS B 30 13.39 12.49 -9.53
C LYS B 30 14.55 12.18 -8.60
N LYS B 31 15.72 11.92 -9.16
CA LYS B 31 16.87 11.69 -8.29
C LYS B 31 17.25 12.93 -7.48
N ARG B 32 16.87 14.13 -7.94
CA ARG B 32 17.18 15.35 -7.21
C ARG B 32 16.01 15.74 -6.32
N ARG B 33 15.00 14.89 -6.26
CA ARG B 33 13.74 15.24 -5.58
C ARG B 33 13.32 14.27 -4.47
N ALA B 34 13.92 13.08 -4.43
CA ALA B 34 13.43 12.06 -3.49
C ALA B 34 14.29 12.04 -2.20
N VAL B 35 13.65 11.87 -1.05
CA VAL B 35 14.33 11.86 0.26
CA VAL B 35 14.37 11.80 0.23
C VAL B 35 13.76 10.67 1.09
N SER B 36 14.62 9.96 1.81
CA SER B 36 14.20 8.88 2.71
C SER B 36 14.17 9.41 4.14
N ILE B 37 13.22 8.95 4.95
CA ILE B 37 13.21 9.17 6.39
C ILE B 37 13.19 7.75 7.02
N GLY B 38 14.35 7.32 7.52
CA GLY B 38 14.53 5.99 8.08
C GLY B 38 14.35 4.99 6.98
N ASN B 39 13.97 3.77 7.36
CA ASN B 39 13.90 2.66 6.40
C ASN B 39 12.55 2.54 5.72
N HIS B 40 11.52 3.23 6.22
CA HIS B 40 10.17 2.91 5.75
C HIS B 40 9.39 4.05 5.16
N LEU B 41 9.99 5.24 5.13
CA LEU B 41 9.31 6.41 4.57
C LEU B 41 10.11 6.98 3.42
N ARG B 42 9.42 7.27 2.33
CA ARG B 42 10.04 7.78 1.13
C ARG B 42 9.26 8.98 0.67
N LEU B 43 9.88 10.17 0.63
CA LEU B 43 9.18 11.39 0.16
C LEU B 43 9.59 11.74 -1.25
N LEU B 44 8.65 12.21 -2.05
CA LEU B 44 8.99 12.77 -3.35
C LEU B 44 8.54 14.21 -3.40
N PHE B 45 9.50 15.14 -3.51
CA PHE B 45 9.16 16.55 -3.57
C PHE B 45 8.68 16.84 -5.00
N GLU B 46 7.42 17.28 -5.08
CA GLU B 46 6.73 17.45 -6.38
C GLU B 46 7.03 18.85 -6.98
N ASP B 47 7.07 18.88 -8.31
CA ASP B 47 7.20 20.13 -9.06
C ASP B 47 6.48 20.02 -10.40
N GLU B 48 6.58 21.05 -11.24
CA GLU B 48 5.80 21.02 -12.46
C GLU B 48 6.24 19.85 -13.37
N THR B 49 7.52 19.50 -13.36
CA THR B 49 8.04 18.34 -14.10
C THR B 49 7.45 16.99 -13.67
N THR B 50 7.46 16.70 -12.37
CA THR B 50 6.90 15.45 -11.86
C THR B 50 5.37 15.44 -12.00
N ILE B 51 4.71 16.58 -11.81
CA ILE B 51 3.25 16.60 -11.87
CA ILE B 51 3.25 16.62 -11.88
C ILE B 51 2.75 16.53 -13.33
N ARG B 52 3.40 17.24 -14.23
CA ARG B 52 3.05 17.15 -15.67
C ARG B 52 3.19 15.71 -16.16
N TYR B 53 4.28 15.05 -15.74
CA TYR B 53 4.50 13.64 -16.08
C TYR B 53 3.39 12.72 -15.57
N GLN B 54 2.97 12.95 -14.34
CA GLN B 54 1.94 12.14 -13.74
C GLN B 54 0.60 12.33 -14.49
N ILE B 55 0.26 13.57 -14.83
CA ILE B 55 -0.98 13.84 -15.56
C ILE B 55 -0.97 13.11 -16.92
N HIS B 56 0.14 13.27 -17.66
CA HIS B 56 0.23 12.67 -18.96
C HIS B 56 0.17 11.16 -18.91
N GLU B 57 0.71 10.56 -17.84
CA GLU B 57 0.71 9.11 -17.67
C GLU B 57 -0.69 8.59 -17.46
N MSE B 58 -1.47 9.31 -16.65
CA MSE B 58 -2.82 8.85 -16.38
CA MSE B 58 -2.85 8.94 -16.35
C MSE B 58 -3.71 9.09 -17.62
O MSE B 58 -4.49 8.21 -17.97
CB MSE B 58 -3.39 9.49 -15.09
CB MSE B 58 -3.46 9.87 -15.27
CG MSE B 58 -2.66 9.06 -13.72
CG MSE B 58 -2.84 9.76 -13.85
SE MSE B 58 -2.84 7.15 -13.31
SE MSE B 58 -2.87 7.94 -13.19
CE MSE B 58 -1.13 6.51 -13.93
CE MSE B 58 -4.59 7.29 -14.03
N LEU B 59 -3.57 10.23 -18.30
CA LEU B 59 -4.31 10.46 -19.56
C LEU B 59 -3.98 9.34 -20.56
N HIS B 60 -2.72 8.99 -20.64
CA HIS B 60 -2.28 7.94 -21.59
C HIS B 60 -2.87 6.56 -21.28
N ILE B 61 -2.69 6.12 -20.04
CA ILE B 61 -3.06 4.79 -19.65
C ILE B 61 -4.56 4.60 -19.72
N GLU B 62 -5.34 5.60 -19.35
CA GLU B 62 -6.77 5.48 -19.39
C GLU B 62 -7.34 5.99 -20.74
N LYS B 63 -6.49 6.43 -21.66
CA LYS B 63 -6.93 6.92 -22.99
C LYS B 63 -7.98 8.05 -22.91
N ILE B 64 -7.68 9.09 -22.15
CA ILE B 64 -8.63 10.15 -21.86
C ILE B 64 -8.40 11.26 -22.84
N PHE B 65 -9.42 11.55 -23.66
CA PHE B 65 -9.37 12.64 -24.65
C PHE B 65 -10.60 13.54 -24.66
N ASP B 66 -11.51 13.33 -23.72
CA ASP B 66 -12.67 14.19 -23.58
C ASP B 66 -12.31 15.35 -22.65
N GLU B 67 -12.89 16.51 -22.90
CA GLU B 67 -12.50 17.71 -22.17
C GLU B 67 -12.68 17.56 -20.68
N ASP B 68 -13.85 17.09 -20.24
CA ASP B 68 -14.11 16.98 -18.80
C ASP B 68 -13.08 16.08 -18.12
N GLY B 69 -12.82 14.91 -18.71
CA GLY B 69 -11.80 13.96 -18.21
C GLY B 69 -10.39 14.54 -18.13
N ILE B 70 -10.00 15.31 -19.16
CA ILE B 70 -8.66 15.93 -19.21
C ILE B 70 -8.58 17.01 -18.13
N GLN B 71 -9.62 17.82 -18.06
CA GLN B 71 -9.64 18.85 -17.03
C GLN B 71 -9.69 18.24 -15.63
N ALA B 72 -10.37 17.12 -15.48
CA ALA B 72 -10.41 16.44 -14.16
C ALA B 72 -9.00 15.99 -13.72
N GLU B 73 -8.21 15.41 -14.61
CA GLU B 73 -6.89 14.94 -14.23
C GLU B 73 -6.02 16.10 -13.79
N LEU B 74 -6.16 17.22 -14.48
CA LEU B 74 -5.40 18.43 -14.17
C LEU B 74 -5.81 18.98 -12.79
N ASP B 75 -7.11 19.09 -12.56
CA ASP B 75 -7.63 19.55 -11.27
C ASP B 75 -7.10 18.71 -10.13
N ALA B 76 -7.01 17.41 -10.36
CA ALA B 76 -6.59 16.45 -9.37
C ALA B 76 -5.15 16.67 -8.91
N TYR B 77 -4.26 17.05 -9.81
CA TYR B 77 -2.84 17.15 -9.50
C TYR B 77 -2.30 18.56 -9.30
N LEU B 78 -3.04 19.55 -9.80
CA LEU B 78 -2.61 20.95 -9.71
C LEU B 78 -2.29 21.42 -8.26
N PRO B 79 -3.02 20.95 -7.23
CA PRO B 79 -2.70 21.27 -5.84
C PRO B 79 -1.29 20.88 -5.41
N LEU B 80 -0.67 19.89 -6.06
CA LEU B 80 0.70 19.46 -5.66
C LEU B 80 1.82 20.39 -6.17
N VAL B 81 1.49 21.35 -7.03
CA VAL B 81 2.51 22.22 -7.57
C VAL B 81 2.81 23.30 -6.52
N PRO B 82 4.08 23.43 -6.10
CA PRO B 82 4.43 24.47 -5.13
C PRO B 82 3.89 25.87 -5.53
N ASP B 83 3.48 26.68 -4.55
CA ASP B 83 2.85 27.98 -4.81
C ASP B 83 3.79 29.19 -4.80
N GLY B 84 5.07 28.99 -4.45
CA GLY B 84 6.05 30.07 -4.38
C GLY B 84 6.81 30.14 -3.04
N SER B 85 6.08 29.93 -1.95
CA SER B 85 6.66 30.01 -0.59
C SER B 85 6.54 28.68 0.13
N ASN B 86 6.42 27.60 -0.64
CA ASN B 86 6.17 26.29 -0.03
C ASN B 86 6.83 25.11 -0.76
N LEU B 87 6.93 24.01 -0.05
CA LEU B 87 7.42 22.74 -0.62
C LEU B 87 6.32 21.72 -0.41
N LYS B 88 6.15 20.85 -1.41
CA LYS B 88 5.07 19.89 -1.40
C LYS B 88 5.63 18.52 -1.77
N ALA B 89 5.29 17.51 -0.99
CA ALA B 89 5.85 16.18 -1.19
C ALA B 89 4.76 15.14 -1.04
N THR B 90 4.88 14.08 -1.82
CA THR B 90 4.07 12.90 -1.63
C THR B 90 4.88 11.90 -0.83
N LEU B 91 4.20 11.21 0.07
CA LEU B 91 4.84 10.32 1.03
C LEU B 91 4.44 8.91 0.71
N GLN B 92 5.41 8.01 0.66
CA GLN B 92 5.17 6.57 0.53
C GLN B 92 5.73 5.84 1.74
N ILE B 93 5.02 4.79 2.14
CA ILE B 93 5.40 3.94 3.24
C ILE B 93 5.86 2.69 2.58
N GLU B 94 7.05 2.23 2.93
CA GLU B 94 7.65 1.13 2.23
C GLU B 94 8.32 0.11 3.18
N TYR B 95 7.95 -1.15 3.00
CA TYR B 95 8.51 -2.26 3.74
C TYR B 95 9.09 -3.25 2.75
N GLU B 96 9.73 -4.30 3.25
CA GLU B 96 10.37 -5.25 2.39
C GLU B 96 9.37 -5.92 1.41
N ASN B 97 8.13 -6.09 1.84
CA ASN B 97 7.08 -6.42 0.88
C ASN B 97 5.76 -5.75 1.29
N GLU B 98 4.75 -5.92 0.47
CA GLU B 98 3.54 -5.16 0.61
CA GLU B 98 3.52 -5.16 0.59
C GLU B 98 2.63 -5.66 1.74
N THR B 99 2.75 -6.93 2.10
CA THR B 99 1.91 -7.45 3.20
C THR B 99 2.42 -6.88 4.51
N GLN B 100 3.72 -6.71 4.66
CA GLN B 100 4.28 -6.08 5.86
C GLN B 100 3.90 -4.62 5.91
N ARG B 101 3.94 -3.95 4.76
CA ARG B 101 3.47 -2.61 4.74
C ARG B 101 2.04 -2.55 5.29
N ARG B 102 1.15 -3.43 4.82
CA ARG B 102 -0.25 -3.36 5.23
C ARG B 102 -0.41 -3.64 6.74
N ALA B 103 0.44 -4.54 7.26
CA ALA B 103 0.49 -4.89 8.68
C ALA B 103 1.00 -3.74 9.57
N ALA B 104 1.67 -2.76 8.99
CA ALA B 104 2.25 -1.57 9.69
C ALA B 104 1.30 -0.36 9.72
N LEU B 105 0.33 -0.30 8.78
CA LEU B 105 -0.47 0.90 8.53
C LEU B 105 -1.25 1.42 9.73
N ALA B 106 -1.84 0.52 10.51
CA ALA B 106 -2.62 0.94 11.66
C ALA B 106 -1.73 1.65 12.69
N ARG B 107 -0.52 1.15 12.91
CA ARG B 107 0.40 1.80 13.85
C ARG B 107 0.88 3.15 13.38
N LEU B 108 0.88 3.36 12.08
CA LEU B 108 1.49 4.54 11.47
C LEU B 108 0.47 5.66 11.22
N VAL B 109 -0.75 5.50 11.72
CA VAL B 109 -1.81 6.49 11.50
C VAL B 109 -1.27 7.80 12.05
N GLY B 110 -1.39 8.84 11.25
CA GLY B 110 -0.98 10.19 11.67
C GLY B 110 0.48 10.55 11.41
N ILE B 111 1.24 9.62 10.82
CA ILE B 111 2.65 9.83 10.48
C ILE B 111 2.91 11.13 9.64
N GLU B 112 1.96 11.50 8.79
CA GLU B 112 2.13 12.65 7.88
C GLU B 112 2.33 13.95 8.67
N ASP B 113 1.58 14.10 9.77
CA ASP B 113 1.60 15.31 10.57
C ASP B 113 2.85 15.44 11.41
N ARG B 114 3.66 14.37 11.47
CA ARG B 114 4.84 14.35 12.36
C ARG B 114 6.16 14.44 11.60
N VAL B 115 6.09 14.60 10.28
CA VAL B 115 7.26 14.78 9.42
C VAL B 115 7.56 16.26 9.46
N PHE B 116 8.80 16.64 9.75
CA PHE B 116 9.17 18.08 9.76
C PHE B 116 10.42 18.30 8.96
N LEU B 117 10.54 19.51 8.40
CA LEU B 117 11.79 20.00 7.82
C LEU B 117 12.36 21.08 8.71
N ARG B 118 13.66 21.27 8.61
CA ARG B 118 14.30 22.37 9.33
C ARG B 118 15.34 23.01 8.42
N VAL B 119 15.15 24.31 8.16
CA VAL B 119 16.10 25.05 7.35
C VAL B 119 17.11 25.64 8.34
N ASP B 120 18.37 25.26 8.17
CA ASP B 120 19.47 25.63 9.07
C ASP B 120 19.05 25.51 10.52
N ASP B 121 19.04 26.64 11.24
CA ASP B 121 18.65 26.66 12.65
C ASP B 121 17.33 27.44 12.84
N GLU B 122 16.53 27.53 11.78
CA GLU B 122 15.18 28.02 11.92
C GLU B 122 14.33 26.99 12.68
N ALA B 123 13.12 27.40 13.04
CA ALA B 123 12.17 26.54 13.69
C ALA B 123 11.83 25.39 12.74
N PRO B 124 11.60 24.18 13.27
CA PRO B 124 11.08 23.15 12.36
C PRO B 124 9.70 23.55 11.80
N VAL B 125 9.43 23.09 10.61
CA VAL B 125 8.13 23.30 9.95
C VAL B 125 7.57 21.89 9.77
N TYR B 126 6.39 21.67 10.34
CA TYR B 126 5.67 20.41 10.24
C TYR B 126 4.79 20.42 9.04
N ALA B 127 4.73 19.28 8.36
CA ALA B 127 3.84 19.10 7.23
C ALA B 127 2.41 19.40 7.63
N ILE B 128 1.68 20.02 6.70
CA ILE B 128 0.25 20.00 6.72
C ILE B 128 -0.19 18.94 5.68
N ALA B 129 -0.95 17.93 6.14
CA ALA B 129 -1.68 16.94 5.33
C ALA B 129 -2.45 17.55 4.15
N VAL B 144 -5.93 13.50 -4.20
CA VAL B 144 -4.48 13.26 -4.17
C VAL B 144 -3.83 13.85 -2.92
N HIS B 145 -3.49 12.99 -1.95
CA HIS B 145 -2.92 13.42 -0.64
C HIS B 145 -1.45 13.87 -0.75
N PHE B 146 -1.07 14.87 0.03
CA PHE B 146 0.31 15.31 0.04
C PHE B 146 0.65 16.06 1.32
N LEU B 147 1.92 16.34 1.48
CA LEU B 147 2.46 17.08 2.60
CA LEU B 147 2.42 17.07 2.61
C LEU B 147 2.83 18.46 2.12
N ARG B 148 2.39 19.49 2.82
CA ARG B 148 2.71 20.85 2.42
C ARG B 148 3.52 21.48 3.55
N PHE B 149 4.69 21.99 3.20
CA PHE B 149 5.61 22.62 4.16
C PHE B 149 5.64 24.12 3.81
N GLU B 150 5.10 24.97 4.69
CA GLU B 150 5.08 26.41 4.45
C GLU B 150 6.33 27.07 5.00
N LEU B 151 7.10 27.73 4.12
CA LEU B 151 8.32 28.37 4.53
C LEU B 151 8.10 29.88 4.77
N GLY B 152 8.62 30.38 5.90
CA GLY B 152 8.71 31.83 6.15
C GLY B 152 9.79 32.48 5.31
N ASP B 153 9.75 33.82 5.21
CA ASP B 153 10.71 34.55 4.34
C ASP B 153 12.15 34.27 4.74
N ALA B 154 12.42 34.22 6.06
CA ALA B 154 13.81 33.92 6.53
C ALA B 154 14.25 32.57 6.04
N MSE B 155 13.35 31.59 6.14
CA MSE B 155 13.68 30.22 5.75
C MSE B 155 13.92 30.16 4.26
O MSE B 155 14.85 29.50 3.81
CB MSE B 155 12.52 29.27 6.08
CG MSE B 155 12.29 29.03 7.56
SE MSE B 155 10.71 27.95 7.80
CE MSE B 155 10.43 28.44 9.66
N LYS B 156 13.03 30.82 3.49
CA LYS B 156 13.12 30.85 2.03
C LYS B 156 14.47 31.37 1.61
N ALA B 157 14.90 32.46 2.26
CA ALA B 157 16.15 33.12 1.86
C ALA B 157 17.32 32.21 2.17
N LYS B 158 17.32 31.63 3.36
CA LYS B 158 18.44 30.79 3.76
C LYS B 158 18.59 29.62 2.82
N LEU B 159 17.45 29.00 2.48
CA LEU B 159 17.47 27.80 1.65
C LEU B 159 18.01 28.13 0.25
N LYS B 160 17.43 29.18 -0.34
CA LYS B 160 17.87 29.69 -1.63
C LYS B 160 19.35 29.95 -1.57
N ALA B 161 19.81 30.52 -0.48
CA ALA B 161 21.23 30.82 -0.31
C ALA B 161 22.10 29.60 0.01
N GLY B 162 21.53 28.40 0.04
CA GLY B 162 22.32 27.17 0.22
C GLY B 162 22.49 26.63 1.62
N ALA B 163 21.70 27.15 2.57
CA ALA B 163 21.71 26.60 3.94
C ALA B 163 21.34 25.10 3.99
N PRO B 164 21.79 24.41 5.06
CA PRO B 164 21.42 23.02 5.34
C PRO B 164 19.90 22.81 5.46
N LEU B 165 19.42 21.69 4.91
CA LEU B 165 18.04 21.31 5.02
C LEU B 165 18.03 19.94 5.67
N SER B 166 17.28 19.81 6.75
CA SER B 166 17.16 18.52 7.41
C SER B 166 15.71 18.09 7.50
N ILE B 167 15.53 16.76 7.61
CA ILE B 167 14.21 16.16 7.67
C ILE B 167 14.16 15.08 8.75
N GLY B 168 13.10 15.08 9.55
CA GLY B 168 12.88 14.01 10.54
C GLY B 168 11.42 13.70 10.82
N CYS B 169 11.20 12.85 11.82
CA CYS B 169 9.85 12.43 12.20
C CYS B 169 9.83 12.18 13.70
N ASP B 170 8.79 12.67 14.36
CA ASP B 170 8.63 12.45 15.78
C ASP B 170 7.33 11.75 16.12
N HIS B 171 6.80 11.00 15.17
CA HIS B 171 5.69 10.08 15.43
C HIS B 171 6.08 9.03 16.50
N PRO B 172 5.17 8.70 17.43
CA PRO B 172 5.56 7.76 18.49
C PRO B 172 5.96 6.40 17.97
N HIS B 173 5.36 5.95 16.86
CA HIS B 173 5.75 4.67 16.27
C HIS B 173 6.86 4.78 15.24
N TYR B 174 7.36 5.98 14.98
CA TYR B 174 8.40 6.15 13.98
C TYR B 174 9.30 7.36 14.27
N PRO B 175 9.97 7.34 15.43
CA PRO B 175 10.85 8.44 15.81
C PRO B 175 12.17 8.40 15.03
N ILE B 176 12.39 9.36 14.15
CA ILE B 176 13.65 9.42 13.41
C ILE B 176 14.25 10.81 13.61
N GLN B 177 15.50 10.85 14.10
CA GLN B 177 16.18 12.11 14.39
C GLN B 177 16.46 12.84 13.06
N ALA B 178 16.33 14.16 13.07
CA ALA B 178 16.56 14.96 11.87
C ALA B 178 17.89 14.60 11.24
N ALA B 179 17.87 14.36 9.93
CA ALA B 179 19.08 14.09 9.16
C ALA B 179 19.15 15.07 7.97
N ARG B 180 20.35 15.45 7.59
CA ARG B 180 20.55 16.45 6.57
C ARG B 180 20.25 15.87 5.20
N ILE B 181 19.52 16.62 4.38
CA ILE B 181 19.15 16.17 3.02
C ILE B 181 20.36 16.45 2.12
N ASP B 182 20.65 15.52 1.21
CA ASP B 182 21.69 15.71 0.21
CA ASP B 182 21.65 15.69 0.13
C ASP B 182 21.65 17.12 -0.40
N PRO B 183 22.82 17.81 -0.43
CA PRO B 183 22.78 19.21 -0.93
C PRO B 183 22.24 19.40 -2.35
N ASP B 184 22.50 18.44 -3.25
CA ASP B 184 21.92 18.51 -4.59
C ASP B 184 20.40 18.49 -4.56
N VAL B 185 19.82 17.68 -3.70
CA VAL B 185 18.35 17.66 -3.54
C VAL B 185 17.88 18.99 -2.95
N ALA B 186 18.55 19.44 -1.86
CA ALA B 186 18.18 20.74 -1.26
C ALA B 186 18.20 21.88 -2.29
N ALA B 187 19.22 21.90 -3.14
CA ALA B 187 19.32 22.90 -4.22
C ALA B 187 18.12 22.85 -5.16
N SER B 188 17.65 21.64 -5.48
CA SER B 188 16.52 21.49 -6.38
C SER B 188 15.27 22.06 -5.71
N LEU B 189 15.09 21.71 -4.45
CA LEU B 189 13.94 22.15 -3.69
C LEU B 189 13.90 23.69 -3.63
N ALA B 190 15.05 24.34 -3.46
CA ALA B 190 15.10 25.82 -3.39
C ALA B 190 14.54 26.49 -4.66
N GLY B 191 14.74 25.83 -5.80
CA GLY B 191 14.28 26.33 -7.06
C GLY B 191 12.77 26.37 -7.17
N ASP B 192 12.08 25.67 -6.27
CA ASP B 192 10.62 25.74 -6.22
C ASP B 192 10.14 27.08 -5.68
N LEU B 193 11.02 27.78 -4.99
CA LEU B 193 10.61 28.94 -4.20
C LEU B 193 10.69 30.19 -5.07
N ASP B 194 9.64 31.00 -5.06
CA ASP B 194 9.66 32.27 -5.77
C ASP B 194 10.33 33.36 -4.93
C1 GOL C . 5.46 0.77 14.23
O1 GOL C . 6.34 -0.01 15.01
C2 GOL C . 5.81 0.66 12.77
O2 GOL C . 6.98 1.45 12.57
C3 GOL C . 6.00 -0.83 12.52
O3 GOL C . 6.84 -1.09 11.43
C1 GOL D . 3.40 12.81 -9.03
O1 GOL D . 4.76 12.74 -9.44
C2 GOL D . 2.98 11.54 -8.30
O2 GOL D . 1.72 11.78 -7.72
C3 GOL D . 3.97 11.15 -7.20
O3 GOL D . 4.99 10.26 -7.64
CL CL E . 7.64 24.08 -9.55
#